data_4ZVN
#
_entry.id   4ZVN
#
_cell.length_a   56.640
_cell.length_b   82.860
_cell.length_c   106.230
_cell.angle_alpha   90.000
_cell.angle_beta   90.000
_cell.angle_gamma   90.000
#
_symmetry.space_group_name_H-M   'P 21 21 21'
#
loop_
_entity.id
_entity.type
_entity.pdbx_description
1 polymer 'Ribosyldihydronicotinamide dehydrogenase [quinone]'
2 non-polymer 'ZINC ION'
3 non-polymer 'FLAVIN-ADENINE DINUCLEOTIDE'
4 non-polymer 'ACRIDINE ORANGE'
5 water water
#
_entity_poly.entity_id   1
_entity_poly.type   'polypeptide(L)'
_entity_poly.pdbx_seq_one_letter_code
;AGKKVLIVYAHQEPKSFNGSLKNVAVDELSRQGCTVTVSDLYAMNFEPRATDKDITGTLSNPEVFNYGVETHEAYKQRSL
ASDITDEQKKVREADLVIFQFPLYWFSVPAILKGWMDRVLCQGFAFDIPGFYDSGLLQGKLALLSVTTGGTAEMYTKTGV
NGDSRYFLWPLQHGTLHFCGFKVLAPQISFAPEIASEEERKGMVAAWSQRLQTIWKEEPIPCTAHWHFGQ
;
_entity_poly.pdbx_strand_id   A,B
#
# COMPACT_ATOMS: atom_id res chain seq x y z
N ALA A 1 27.51 -19.01 0.95
CA ALA A 1 28.45 -18.35 1.85
C ALA A 1 27.96 -18.39 3.31
N GLY A 2 27.06 -19.31 3.59
CA GLY A 2 26.40 -19.37 4.88
C GLY A 2 25.18 -18.47 4.91
N LYS A 3 24.98 -17.71 3.83
CA LYS A 3 23.91 -16.70 3.75
C LYS A 3 22.51 -17.31 3.53
N LYS A 4 21.52 -16.70 4.16
CA LYS A 4 20.14 -17.14 4.03
C LYS A 4 19.32 -16.01 3.40
N VAL A 5 18.51 -16.35 2.41
CA VAL A 5 17.71 -15.38 1.69
C VAL A 5 16.24 -15.78 1.71
N LEU A 6 15.37 -14.83 2.04
CA LEU A 6 13.92 -14.98 1.88
C LEU A 6 13.45 -14.12 0.73
N ILE A 7 12.75 -14.75 -0.20
CA ILE A 7 12.12 -14.01 -1.27
C ILE A 7 10.62 -13.98 -1.02
N VAL A 8 10.06 -12.79 -0.83
CA VAL A 8 8.62 -12.64 -0.68
C VAL A 8 8.11 -12.18 -2.04
N TYR A 9 7.31 -13.03 -2.66
CA TYR A 9 6.98 -12.97 -4.08
C TYR A 9 5.49 -12.79 -4.22
N ALA A 10 5.08 -11.80 -5.00
CA ALA A 10 3.67 -11.43 -5.10
C ALA A 10 3.25 -11.30 -6.55
N HIS A 11 3.06 -12.43 -7.22
CA HIS A 11 2.48 -12.42 -8.56
C HIS A 11 1.67 -13.72 -8.74
N GLN A 12 0.57 -13.60 -9.47
CA GLN A 12 -0.40 -14.69 -9.66
C GLN A 12 0.05 -15.73 -10.67
N GLU A 13 1.01 -15.38 -11.52
CA GLU A 13 1.29 -16.12 -12.76
C GLU A 13 2.77 -16.47 -12.87
N PRO A 14 3.08 -17.75 -12.75
CA PRO A 14 4.46 -18.26 -12.79
C PRO A 14 5.21 -17.86 -14.07
N LYS A 15 4.51 -17.72 -15.19
CA LYS A 15 5.17 -17.38 -16.44
C LYS A 15 5.33 -15.88 -16.63
N SER A 16 4.97 -15.11 -15.62
CA SER A 16 5.02 -13.65 -15.72
C SER A 16 6.46 -13.17 -15.70
N PHE A 17 6.68 -11.90 -16.03
CA PHE A 17 7.99 -11.31 -15.92
C PHE A 17 8.47 -11.37 -14.47
N ASN A 18 7.55 -11.15 -13.53
CA ASN A 18 7.88 -11.29 -12.11
C ASN A 18 8.26 -12.72 -11.76
N GLY A 19 7.52 -13.69 -12.28
CA GLY A 19 7.85 -15.08 -12.04
C GLY A 19 9.26 -15.42 -12.53
N SER A 20 9.61 -14.87 -13.70
CA SER A 20 10.96 -15.09 -14.25
C SER A 20 12.04 -14.46 -13.36
N LEU A 21 11.79 -13.25 -12.88
CA LEU A 21 12.75 -12.59 -12.01
C LEU A 21 12.91 -13.35 -10.70
N LYS A 22 11.81 -13.91 -10.20
CA LYS A 22 11.86 -14.70 -8.97
C LYS A 22 12.67 -15.98 -9.21
N ASN A 23 12.43 -16.64 -10.33
CA ASN A 23 13.14 -17.88 -10.61
C ASN A 23 14.62 -17.63 -10.85
N VAL A 24 14.96 -16.54 -11.53
CA VAL A 24 16.36 -16.19 -11.72
C VAL A 24 17.05 -15.98 -10.40
N ALA A 25 16.36 -15.30 -9.48
CA ALA A 25 16.88 -15.12 -8.13
C ALA A 25 17.12 -16.45 -7.44
N VAL A 26 16.15 -17.36 -7.51
CA VAL A 26 16.28 -18.65 -6.82
C VAL A 26 17.45 -19.41 -7.42
N ASP A 27 17.51 -19.44 -8.75
CA ASP A 27 18.56 -20.18 -9.48
C ASP A 27 19.94 -19.69 -9.13
N GLU A 28 20.13 -18.37 -9.13
CA GLU A 28 21.45 -17.78 -8.95
C GLU A 28 21.90 -17.87 -7.49
N LEU A 29 21.00 -17.58 -6.56
CA LEU A 29 21.36 -17.65 -5.16
C LEU A 29 21.60 -19.10 -4.76
N SER A 30 20.81 -20.01 -5.32
CA SER A 30 20.98 -21.44 -5.09
C SER A 30 22.33 -21.90 -5.63
N ARG A 31 22.67 -21.42 -6.83
CA ARG A 31 23.95 -21.76 -7.45
C ARG A 31 25.11 -21.33 -6.58
N GLN A 32 24.98 -20.17 -5.95
CA GLN A 32 26.03 -19.65 -5.05
C GLN A 32 26.18 -20.45 -3.77
N GLY A 33 25.20 -21.32 -3.51
CA GLY A 33 25.22 -22.07 -2.27
C GLY A 33 24.44 -21.41 -1.14
N CYS A 34 23.69 -20.35 -1.45
CA CYS A 34 22.85 -19.72 -0.43
C CYS A 34 21.69 -20.61 -0.04
N THR A 35 21.21 -20.42 1.18
CA THR A 35 19.98 -21.04 1.63
C THR A 35 18.84 -20.14 1.17
N VAL A 36 17.87 -20.69 0.45
CA VAL A 36 16.84 -19.88 -0.18
C VAL A 36 15.45 -20.36 0.18
N THR A 37 14.59 -19.41 0.55
CA THR A 37 13.21 -19.69 0.86
C THR A 37 12.35 -18.69 0.12
N VAL A 38 11.22 -19.15 -0.41
CA VAL A 38 10.31 -18.29 -1.15
C VAL A 38 8.93 -18.35 -0.49
N SER A 39 8.40 -17.19 -0.18
CA SER A 39 7.00 -17.08 0.24
C SER A 39 6.20 -16.61 -0.96
N ASP A 40 5.53 -17.56 -1.61
CA ASP A 40 4.70 -17.28 -2.78
C ASP A 40 3.29 -16.91 -2.30
N LEU A 41 3.07 -15.62 -2.06
CA LEU A 41 1.87 -15.18 -1.33
C LEU A 41 0.55 -15.62 -1.99
N TYR A 42 0.44 -15.47 -3.30
CA TYR A 42 -0.82 -15.85 -3.94
C TYR A 42 -1.02 -17.37 -3.82
N ALA A 43 0.05 -18.15 -4.01
CA ALA A 43 -0.06 -19.61 -3.96
C ALA A 43 -0.42 -20.06 -2.56
N MET A 44 0.03 -19.30 -1.56
CA MET A 44 -0.29 -19.56 -0.16
C MET A 44 -1.68 -19.06 0.25
N ASN A 45 -2.35 -18.36 -0.66
CA ASN A 45 -3.58 -17.62 -0.34
C ASN A 45 -3.39 -16.80 0.93
N PHE A 46 -2.22 -16.13 1.02
CA PHE A 46 -1.85 -15.39 2.20
C PHE A 46 -2.93 -14.35 2.59
N GLU A 47 -3.28 -14.34 3.87
CA GLU A 47 -4.33 -13.47 4.39
C GLU A 47 -3.81 -12.04 4.52
N PRO A 48 -4.40 -11.09 3.79
CA PRO A 48 -3.85 -9.73 3.87
C PRO A 48 -4.50 -8.87 4.95
N ARG A 49 -5.67 -9.28 5.44
CA ARG A 49 -6.45 -8.42 6.32
C ARG A 49 -5.96 -8.49 7.77
N ALA A 50 -5.78 -7.31 8.37
CA ALA A 50 -5.48 -7.18 9.80
C ALA A 50 -6.77 -7.28 10.61
N THR A 51 -7.01 -8.44 11.22
CA THR A 51 -8.26 -8.64 11.95
C THR A 51 -8.01 -9.30 13.31
N ASP A 52 -9.06 -9.38 14.12
CA ASP A 52 -8.93 -9.96 15.45
C ASP A 52 -8.68 -11.46 15.38
N LYS A 53 -8.83 -12.07 14.21
CA LYS A 53 -8.46 -13.48 14.01
C LYS A 53 -6.95 -13.68 14.08
N ASP A 54 -6.17 -12.60 14.04
CA ASP A 54 -4.71 -12.74 14.11
C ASP A 54 -4.23 -12.97 15.53
N ILE A 55 -5.14 -12.86 16.49
CA ILE A 55 -4.83 -13.14 17.90
C ILE A 55 -5.74 -14.26 18.39
N THR A 56 -5.16 -15.28 19.01
CA THR A 56 -5.96 -16.43 19.42
C THR A 56 -6.20 -16.50 20.92
N GLY A 57 -5.44 -15.73 21.69
CA GLY A 57 -5.60 -15.74 23.14
C GLY A 57 -6.57 -14.69 23.64
N THR A 58 -6.62 -14.54 24.95
CA THR A 58 -7.45 -13.54 25.58
C THR A 58 -6.96 -12.15 25.20
N LEU A 59 -7.86 -11.30 24.71
CA LEU A 59 -7.49 -9.95 24.30
C LEU A 59 -7.22 -9.07 25.51
N SER A 60 -6.30 -8.12 25.36
CA SER A 60 -6.04 -7.12 26.40
C SER A 60 -7.26 -6.26 26.69
N ASN A 61 -7.98 -5.92 25.63
CA ASN A 61 -9.23 -5.16 25.74
C ASN A 61 -10.25 -5.71 24.77
N PRO A 62 -11.08 -6.64 25.24
CA PRO A 62 -12.04 -7.33 24.38
C PRO A 62 -13.24 -6.46 24.00
N GLU A 63 -13.35 -5.27 24.58
CA GLU A 63 -14.47 -4.38 24.29
C GLU A 63 -14.18 -3.40 23.16
N VAL A 64 -12.92 -2.99 23.04
CA VAL A 64 -12.49 -2.07 21.99
C VAL A 64 -11.20 -2.61 21.38
N PHE A 65 -11.32 -3.12 20.15
CA PHE A 65 -10.22 -3.82 19.51
C PHE A 65 -9.26 -2.85 18.86
N ASN A 66 -8.01 -2.90 19.32
CA ASN A 66 -6.91 -2.11 18.78
C ASN A 66 -5.88 -3.08 18.21
N TYR A 67 -5.79 -3.14 16.88
CA TYR A 67 -4.98 -4.16 16.22
C TYR A 67 -3.51 -4.11 16.63
N GLY A 68 -2.92 -2.93 16.66
CA GLY A 68 -1.51 -2.81 17.02
C GLY A 68 -1.25 -3.23 18.45
N VAL A 69 -2.10 -2.77 19.35
CA VAL A 69 -1.96 -3.15 20.77
C VAL A 69 -2.10 -4.66 20.95
N GLU A 70 -3.14 -5.26 20.37
CA GLU A 70 -3.40 -6.67 20.60
C GLU A 70 -2.35 -7.57 19.95
N THR A 71 -1.84 -7.19 18.78
CA THR A 71 -0.86 -8.04 18.13
C THR A 71 0.50 -7.90 18.83
N HIS A 72 0.75 -6.73 19.39
CA HIS A 72 1.97 -6.53 20.17
C HIS A 72 1.96 -7.47 21.39
N GLU A 73 0.85 -7.44 22.12
CA GLU A 73 0.68 -8.31 23.28
C GLU A 73 0.69 -9.80 22.89
N ALA A 74 0.01 -10.15 21.80
CA ALA A 74 -0.02 -11.54 21.34
C ALA A 74 1.35 -12.05 20.90
N TYR A 75 2.15 -11.16 20.30
CA TYR A 75 3.50 -11.54 19.95
C TYR A 75 4.28 -11.95 21.20
N LYS A 76 4.22 -11.11 22.24
CA LYS A 76 4.93 -11.38 23.48
C LYS A 76 4.42 -12.66 24.16
N GLN A 77 3.13 -12.93 24.04
CA GLN A 77 2.52 -14.10 24.68
C GLN A 77 2.59 -15.35 23.81
N ARG A 78 2.95 -15.18 22.55
CA ARG A 78 2.90 -16.24 21.54
C ARG A 78 1.48 -16.73 21.29
N SER A 79 0.55 -15.80 21.13
CA SER A 79 -0.80 -16.18 20.73
C SER A 79 -1.19 -15.55 19.39
N LEU A 80 -0.21 -15.24 18.54
CA LEU A 80 -0.50 -14.80 17.17
C LEU A 80 -0.94 -15.97 16.32
N ALA A 81 -1.73 -15.69 15.29
CA ALA A 81 -2.06 -16.71 14.30
C ALA A 81 -0.76 -17.30 13.71
N SER A 82 -0.77 -18.60 13.40
CA SER A 82 0.46 -19.27 13.03
C SER A 82 0.97 -18.83 11.65
N ASP A 83 0.11 -18.29 10.79
CA ASP A 83 0.59 -17.89 9.47
C ASP A 83 1.53 -16.71 9.62
N ILE A 84 1.27 -15.87 10.63
CA ILE A 84 2.14 -14.75 10.94
C ILE A 84 3.48 -15.22 11.49
N THR A 85 3.47 -16.11 12.49
CA THR A 85 4.73 -16.54 13.07
C THR A 85 5.53 -17.42 12.10
N ASP A 86 4.87 -18.10 11.18
CA ASP A 86 5.58 -18.84 10.12
C ASP A 86 6.46 -17.86 9.32
N GLU A 87 5.88 -16.71 8.95
CA GLU A 87 6.62 -15.71 8.19
C GLU A 87 7.72 -15.06 9.02
N GLN A 88 7.43 -14.80 10.28
CA GLN A 88 8.42 -14.23 11.19
C GLN A 88 9.64 -15.13 11.34
N LYS A 89 9.43 -16.44 11.39
CA LYS A 89 10.58 -17.36 11.45
C LYS A 89 11.47 -17.19 10.22
N LYS A 90 10.85 -17.09 9.06
CA LYS A 90 11.60 -16.93 7.81
C LYS A 90 12.43 -15.66 7.82
N VAL A 91 11.82 -14.58 8.29
CA VAL A 91 12.48 -13.29 8.36
C VAL A 91 13.62 -13.34 9.39
N ARG A 92 13.31 -13.88 10.56
CA ARG A 92 14.30 -13.96 11.64
C ARG A 92 15.57 -14.68 11.18
N GLU A 93 15.41 -15.72 10.39
CA GLU A 93 16.54 -16.51 9.94
C GLU A 93 17.25 -15.92 8.72
N ALA A 94 16.55 -15.10 7.94
CA ALA A 94 17.11 -14.51 6.73
C ALA A 94 18.19 -13.46 6.99
N ASP A 95 19.21 -13.44 6.14
CA ASP A 95 20.20 -12.36 6.12
C ASP A 95 19.78 -11.26 5.16
N LEU A 96 19.06 -11.68 4.12
CA LEU A 96 18.58 -10.78 3.06
C LEU A 96 17.13 -11.13 2.74
N VAL A 97 16.28 -10.13 2.70
CA VAL A 97 14.91 -10.35 2.27
C VAL A 97 14.68 -9.59 0.97
N ILE A 98 14.36 -10.33 -0.10
CA ILE A 98 14.06 -9.72 -1.40
C ILE A 98 12.56 -9.73 -1.60
N PHE A 99 12.00 -8.59 -1.99
CA PHE A 99 10.58 -8.50 -2.33
C PHE A 99 10.46 -8.43 -3.84
N GLN A 100 9.74 -9.38 -4.43
CA GLN A 100 9.57 -9.42 -5.88
C GLN A 100 8.11 -9.18 -6.21
N PHE A 101 7.81 -8.07 -6.88
CA PHE A 101 6.41 -7.71 -7.12
C PHE A 101 6.23 -6.69 -8.26
N PRO A 102 5.08 -6.76 -8.92
CA PRO A 102 4.66 -5.69 -9.83
C PRO A 102 4.15 -4.50 -9.04
N LEU A 103 4.51 -3.30 -9.48
CA LEU A 103 3.99 -2.07 -8.89
C LEU A 103 2.48 -1.95 -9.07
N TYR A 104 1.76 -1.88 -7.96
CA TYR A 104 0.31 -1.65 -7.97
C TYR A 104 0.04 -0.31 -7.29
N TRP A 105 -0.41 0.68 -8.05
CA TRP A 105 -0.72 2.00 -7.54
C TRP A 105 0.45 2.59 -6.74
N PHE A 106 1.62 2.64 -7.39
CA PHE A 106 2.80 3.28 -6.81
C PHE A 106 3.20 2.59 -5.50
N SER A 107 2.81 1.32 -5.35
CA SER A 107 3.03 0.59 -4.12
C SER A 107 3.09 -0.94 -4.36
N VAL A 108 3.03 -1.70 -3.29
CA VAL A 108 2.98 -3.17 -3.39
C VAL A 108 1.54 -3.63 -3.62
N PRO A 109 1.36 -4.79 -4.29
CA PRO A 109 0.03 -5.40 -4.35
C PRO A 109 -0.52 -5.63 -2.95
N ALA A 110 -1.84 -5.53 -2.80
CA ALA A 110 -2.46 -5.65 -1.48
C ALA A 110 -2.06 -6.92 -0.72
N ILE A 111 -1.85 -8.03 -1.41
CA ILE A 111 -1.53 -9.25 -0.70
C ILE A 111 -0.15 -9.13 -0.03
N LEU A 112 0.74 -8.37 -0.65
CA LEU A 112 2.07 -8.11 -0.08
C LEU A 112 1.99 -7.01 0.97
N LYS A 113 1.10 -6.03 0.78
CA LYS A 113 0.89 -5.02 1.82
C LYS A 113 0.43 -5.70 3.09
N GLY A 114 -0.44 -6.71 2.93
CA GLY A 114 -0.95 -7.46 4.07
C GLY A 114 0.16 -8.19 4.81
N TRP A 115 1.13 -8.69 4.06
CA TRP A 115 2.30 -9.35 4.64
C TRP A 115 3.07 -8.33 5.51
N MET A 116 3.30 -7.14 4.98
N MET A 116 3.31 -7.15 4.95
CA MET A 116 3.96 -6.11 5.77
CA MET A 116 3.91 -6.05 5.70
C MET A 116 3.15 -5.71 6.99
C MET A 116 3.14 -5.75 6.98
N ASP A 117 1.84 -5.50 6.81
CA ASP A 117 0.96 -5.13 7.92
C ASP A 117 0.96 -6.14 9.07
N ARG A 118 0.87 -7.43 8.73
CA ARG A 118 0.63 -8.47 9.72
C ARG A 118 1.91 -9.10 10.28
N VAL A 119 2.95 -9.20 9.45
CA VAL A 119 4.19 -9.90 9.84
C VAL A 119 5.12 -9.00 10.64
N LEU A 120 5.20 -7.73 10.25
CA LEU A 120 6.15 -6.82 10.89
C LEU A 120 5.56 -6.18 12.14
N CYS A 121 5.14 -7.00 13.10
CA CYS A 121 4.40 -6.44 14.23
C CYS A 121 5.30 -5.86 15.30
N GLN A 122 4.71 -5.04 16.15
CA GLN A 122 5.40 -4.45 17.27
C GLN A 122 5.91 -5.57 18.19
N GLY A 123 7.14 -5.44 18.65
CA GLY A 123 7.76 -6.47 19.47
C GLY A 123 8.65 -7.40 18.64
N PHE A 124 8.23 -7.65 17.41
CA PHE A 124 9.01 -8.48 16.50
C PHE A 124 9.98 -7.64 15.67
N ALA A 125 9.43 -6.67 14.95
CA ALA A 125 10.20 -5.94 13.94
C ALA A 125 10.69 -4.60 14.48
N PHE A 126 10.03 -4.10 15.51
CA PHE A 126 10.37 -2.82 16.11
C PHE A 126 9.75 -2.75 17.49
N ASP A 127 10.15 -1.73 18.23
CA ASP A 127 9.48 -1.35 19.48
C ASP A 127 9.32 0.16 19.48
N ILE A 128 8.45 0.67 20.34
CA ILE A 128 8.31 2.11 20.54
C ILE A 128 8.71 2.42 21.97
N PRO A 129 9.97 2.84 22.19
CA PRO A 129 11.02 3.12 21.20
C PRO A 129 11.76 1.88 20.71
N GLY A 130 12.56 2.04 19.66
CA GLY A 130 13.31 0.96 19.08
C GLY A 130 12.96 0.78 17.61
N PHE A 131 13.21 1.83 16.84
CA PHE A 131 12.87 1.82 15.42
C PHE A 131 13.87 2.64 14.62
N TYR A 132 13.67 2.69 13.30
CA TYR A 132 14.67 3.16 12.35
C TYR A 132 16.00 2.48 12.66
N ASP A 133 17.06 3.23 12.97
CA ASP A 133 18.36 2.57 13.13
C ASP A 133 18.40 1.71 14.39
N SER A 134 17.41 1.87 15.26
CA SER A 134 17.27 1.00 16.43
C SER A 134 16.19 -0.09 16.24
N GLY A 135 15.66 -0.23 15.03
CA GLY A 135 14.69 -1.28 14.73
C GLY A 135 15.23 -2.67 15.04
N LEU A 136 14.34 -3.63 15.24
CA LEU A 136 14.75 -4.93 15.74
C LEU A 136 15.28 -5.85 14.65
N LEU A 137 15.10 -5.47 13.39
CA LEU A 137 15.64 -6.29 12.31
C LEU A 137 16.98 -5.71 11.82
N GLN A 138 17.64 -4.94 12.68
CA GLN A 138 18.96 -4.41 12.32
C GLN A 138 19.90 -5.58 12.06
N GLY A 139 20.87 -5.37 11.18
CA GLY A 139 21.76 -6.42 10.77
C GLY A 139 21.28 -7.17 9.54
N LYS A 140 20.00 -7.01 9.20
CA LYS A 140 19.41 -7.65 8.03
C LYS A 140 19.37 -6.71 6.83
N LEU A 141 19.36 -7.30 5.64
CA LEU A 141 19.26 -6.54 4.41
C LEU A 141 17.90 -6.76 3.74
N ALA A 142 17.43 -5.73 3.07
CA ALA A 142 16.20 -5.83 2.29
C ALA A 142 16.41 -5.19 0.91
N LEU A 143 15.70 -5.71 -0.08
CA LEU A 143 15.85 -5.28 -1.47
C LEU A 143 14.50 -5.38 -2.16
N LEU A 144 14.05 -4.28 -2.75
CA LEU A 144 12.81 -4.30 -3.52
C LEU A 144 13.13 -4.54 -5.01
N SER A 145 12.61 -5.64 -5.55
CA SER A 145 12.72 -5.87 -6.97
C SER A 145 11.33 -5.67 -7.58
N VAL A 146 11.16 -4.54 -8.25
CA VAL A 146 9.85 -4.13 -8.70
C VAL A 146 9.81 -3.96 -10.22
N THR A 147 8.68 -4.37 -10.79
CA THR A 147 8.41 -4.14 -12.21
C THR A 147 7.33 -3.07 -12.33
N THR A 148 7.35 -2.30 -13.41
CA THR A 148 6.38 -1.21 -13.59
C THR A 148 5.67 -1.30 -14.94
N GLY A 149 4.49 -0.69 -15.03
CA GLY A 149 3.87 -0.46 -16.32
C GLY A 149 4.57 0.72 -16.96
N GLY A 150 4.84 1.74 -16.15
CA GLY A 150 5.35 3.01 -16.66
C GLY A 150 6.79 2.88 -17.09
N THR A 151 7.18 3.70 -18.06
CA THR A 151 8.54 3.67 -18.58
C THR A 151 9.49 4.41 -17.65
N ALA A 152 10.79 4.22 -17.85
CA ALA A 152 11.76 4.93 -17.04
C ALA A 152 11.57 6.44 -17.19
N GLU A 153 11.24 6.86 -18.41
CA GLU A 153 11.05 8.28 -18.72
C GLU A 153 9.86 8.88 -17.96
N MET A 154 8.79 8.12 -17.86
CA MET A 154 7.64 8.58 -17.07
C MET A 154 8.03 8.75 -15.61
N TYR A 155 8.95 7.90 -15.15
CA TYR A 155 9.41 7.94 -13.76
C TYR A 155 10.68 8.77 -13.60
N THR A 156 10.64 10.00 -14.10
CA THR A 156 11.68 10.96 -13.85
C THR A 156 11.07 12.20 -13.20
N LYS A 157 11.94 13.01 -12.60
CA LYS A 157 11.56 14.24 -11.93
C LYS A 157 10.56 15.05 -12.76
N THR A 158 10.79 15.17 -14.05
CA THR A 158 9.93 16.00 -14.89
C THR A 158 8.89 15.19 -15.66
N GLY A 159 8.90 13.86 -15.48
CA GLY A 159 7.93 12.99 -16.10
C GLY A 159 6.63 12.98 -15.31
N VAL A 160 5.57 12.45 -15.90
CA VAL A 160 4.24 12.55 -15.30
C VAL A 160 4.14 11.82 -13.96
N ASN A 161 4.95 10.77 -13.78
CA ASN A 161 4.93 9.95 -12.57
C ASN A 161 5.86 10.45 -11.46
N GLY A 162 6.71 11.43 -11.78
CA GLY A 162 7.76 11.82 -10.85
C GLY A 162 8.87 10.77 -10.81
N ASP A 163 9.96 11.07 -10.12
CA ASP A 163 11.07 10.13 -10.05
C ASP A 163 10.66 8.82 -9.39
N SER A 164 11.24 7.71 -9.86
CA SER A 164 10.96 6.40 -9.30
C SER A 164 11.26 6.33 -7.81
N ARG A 165 12.30 7.01 -7.35
CA ARG A 165 12.61 6.99 -5.91
C ARG A 165 11.49 7.58 -5.06
N TYR A 166 10.65 8.44 -5.64
CA TYR A 166 9.56 9.01 -4.87
C TYR A 166 8.65 7.94 -4.28
N PHE A 167 8.25 6.95 -5.08
CA PHE A 167 7.29 5.96 -4.62
C PHE A 167 7.94 4.89 -3.73
N LEU A 168 9.28 4.84 -3.71
CA LEU A 168 9.98 3.91 -2.81
C LEU A 168 9.91 4.31 -1.33
N TRP A 169 9.68 5.60 -1.08
CA TRP A 169 9.76 6.14 0.27
C TRP A 169 8.93 5.38 1.34
N PRO A 170 7.62 5.14 1.10
CA PRO A 170 6.88 4.44 2.15
C PRO A 170 7.40 3.04 2.42
N LEU A 171 7.88 2.38 1.37
CA LEU A 171 8.35 1.01 1.45
C LEU A 171 9.75 0.93 2.06
N GLN A 172 10.71 1.62 1.43
CA GLN A 172 12.09 1.57 1.92
C GLN A 172 12.24 2.25 3.28
N HIS A 173 11.68 3.44 3.44
CA HIS A 173 11.89 4.22 4.66
C HIS A 173 10.84 3.93 5.74
N GLY A 174 9.57 4.13 5.38
CA GLY A 174 8.48 4.05 6.34
C GLY A 174 8.30 2.66 6.90
N THR A 175 8.68 1.66 6.12
CA THR A 175 8.51 0.27 6.56
C THR A 175 9.85 -0.39 6.89
N LEU A 176 10.71 -0.57 5.89
CA LEU A 176 11.88 -1.44 6.05
C LEU A 176 12.94 -0.79 6.96
N HIS A 177 13.33 0.44 6.65
CA HIS A 177 14.26 1.18 7.50
C HIS A 177 13.67 1.33 8.90
N PHE A 178 12.36 1.54 8.99
CA PHE A 178 11.69 1.70 10.28
C PHE A 178 11.93 0.48 11.15
N CYS A 179 11.93 -0.70 10.54
CA CYS A 179 12.13 -1.94 11.27
C CYS A 179 13.61 -2.28 11.46
N GLY A 180 14.49 -1.40 11.03
CA GLY A 180 15.91 -1.61 11.22
C GLY A 180 16.68 -2.23 10.06
N PHE A 181 16.00 -2.58 8.97
CA PHE A 181 16.69 -3.10 7.80
C PHE A 181 17.67 -2.07 7.26
N LYS A 182 18.79 -2.54 6.74
CA LYS A 182 19.55 -1.75 5.80
C LYS A 182 19.02 -2.10 4.43
N VAL A 183 18.90 -1.11 3.56
CA VAL A 183 18.21 -1.27 2.29
C VAL A 183 19.20 -1.23 1.13
N LEU A 184 19.29 -2.33 0.39
CA LEU A 184 20.07 -2.37 -0.84
C LEU A 184 19.32 -1.60 -1.92
N ALA A 185 20.05 -1.14 -2.94
CA ALA A 185 19.43 -0.37 -3.99
C ALA A 185 18.32 -1.17 -4.67
N PRO A 186 17.20 -0.49 -5.00
CA PRO A 186 16.11 -1.19 -5.65
C PRO A 186 16.52 -1.75 -7.00
N GLN A 187 15.94 -2.89 -7.37
CA GLN A 187 16.00 -3.36 -8.75
C GLN A 187 14.69 -2.96 -9.41
N ILE A 188 14.71 -1.99 -10.31
CA ILE A 188 13.49 -1.61 -11.00
C ILE A 188 13.57 -2.00 -12.48
N SER A 189 12.65 -2.85 -12.88
CA SER A 189 12.54 -3.31 -14.26
C SER A 189 11.39 -2.58 -14.91
N PHE A 190 11.71 -1.56 -15.71
CA PHE A 190 10.69 -0.62 -16.22
C PHE A 190 9.94 -1.15 -17.44
N ALA A 191 8.61 -1.15 -17.36
CA ALA A 191 7.75 -1.36 -18.52
C ALA A 191 8.09 -2.60 -19.36
N PRO A 192 8.33 -3.74 -18.70
CA PRO A 192 8.56 -4.95 -19.50
C PRO A 192 7.41 -5.30 -20.45
N GLU A 193 6.17 -4.91 -20.14
CA GLU A 193 5.04 -5.32 -20.96
C GLU A 193 5.06 -4.65 -22.33
N ILE A 194 5.82 -3.57 -22.49
CA ILE A 194 5.94 -2.93 -23.81
C ILE A 194 7.38 -2.93 -24.33
N ALA A 195 8.29 -3.59 -23.63
CA ALA A 195 9.67 -3.68 -24.06
C ALA A 195 9.85 -4.71 -25.18
N SER A 196 10.90 -4.54 -25.98
CA SER A 196 11.25 -5.54 -26.99
C SER A 196 11.75 -6.81 -26.32
N GLU A 197 11.82 -7.90 -27.08
CA GLU A 197 12.30 -9.15 -26.53
C GLU A 197 13.74 -8.98 -26.04
N GLU A 198 14.55 -8.26 -26.81
CA GLU A 198 15.94 -8.01 -26.43
C GLU A 198 16.00 -7.25 -25.13
N GLU A 199 15.16 -6.23 -25.00
CA GLU A 199 15.13 -5.40 -23.81
C GLU A 199 14.69 -6.22 -22.60
N ARG A 200 13.69 -7.07 -22.80
CA ARG A 200 13.19 -7.95 -21.75
C ARG A 200 14.28 -8.92 -21.29
N LYS A 201 14.95 -9.55 -22.26
CA LYS A 201 16.07 -10.43 -21.98
C LYS A 201 17.15 -9.68 -21.21
N GLY A 202 17.38 -8.44 -21.61
CA GLY A 202 18.39 -7.61 -20.99
C GLY A 202 18.10 -7.27 -19.55
N MET A 203 16.81 -7.10 -19.22
CA MET A 203 16.42 -6.79 -17.86
C MET A 203 16.57 -8.01 -16.96
N VAL A 204 16.25 -9.18 -17.49
CA VAL A 204 16.39 -10.41 -16.72
C VAL A 204 17.88 -10.70 -16.45
N ALA A 205 18.71 -10.56 -17.48
CA ALA A 205 20.15 -10.77 -17.34
C ALA A 205 20.81 -9.77 -16.37
N ALA A 206 20.33 -8.53 -16.37
CA ALA A 206 20.85 -7.49 -15.47
C ALA A 206 20.66 -7.89 -14.01
N TRP A 207 19.50 -8.45 -13.73
CA TRP A 207 19.14 -8.91 -12.38
C TRP A 207 19.99 -10.13 -11.98
N SER A 208 20.02 -11.14 -12.83
CA SER A 208 20.86 -12.31 -12.59
C SER A 208 22.32 -11.90 -12.36
N GLN A 209 22.80 -11.00 -13.21
CA GLN A 209 24.16 -10.51 -13.15
C GLN A 209 24.43 -9.76 -11.85
N ARG A 210 23.52 -8.88 -11.46
CA ARG A 210 23.63 -8.19 -10.19
C ARG A 210 23.72 -9.17 -9.01
N LEU A 211 22.88 -10.20 -9.05
CA LEU A 211 22.79 -11.12 -7.93
C LEU A 211 24.13 -11.83 -7.69
N GLN A 212 24.92 -11.99 -8.74
CA GLN A 212 26.23 -12.64 -8.61
C GLN A 212 27.11 -11.91 -7.58
N THR A 213 26.95 -10.59 -7.47
CA THR A 213 27.80 -9.82 -6.55
C THR A 213 27.00 -9.10 -5.46
N ILE A 214 25.82 -9.61 -5.16
CA ILE A 214 24.91 -8.93 -4.23
C ILE A 214 25.53 -8.79 -2.84
N TRP A 215 26.33 -9.78 -2.42
CA TRP A 215 26.84 -9.81 -1.07
C TRP A 215 27.99 -8.82 -0.88
N LYS A 216 28.46 -8.27 -1.99
CA LYS A 216 29.49 -7.23 -1.94
C LYS A 216 28.91 -5.80 -1.92
N GLU A 217 27.60 -5.66 -2.07
CA GLU A 217 26.99 -4.33 -2.11
C GLU A 217 26.91 -3.68 -0.75
N GLU A 218 26.96 -2.36 -0.75
CA GLU A 218 26.64 -1.55 0.42
C GLU A 218 25.19 -1.11 0.31
N PRO A 219 24.54 -0.88 1.45
CA PRO A 219 23.16 -0.36 1.38
C PRO A 219 23.12 1.12 0.99
N ILE A 220 21.96 1.59 0.59
CA ILE A 220 21.76 3.01 0.32
C ILE A 220 21.69 3.79 1.61
N PRO A 221 21.94 5.11 1.54
CA PRO A 221 21.56 5.95 2.66
C PRO A 221 20.05 6.16 2.57
N CYS A 222 19.28 5.48 3.41
CA CYS A 222 17.82 5.53 3.30
C CYS A 222 17.32 6.79 3.99
N THR A 223 17.48 7.91 3.29
CA THR A 223 17.19 9.24 3.82
C THR A 223 16.28 10.01 2.87
N ALA A 224 15.67 11.08 3.38
CA ALA A 224 14.88 11.97 2.52
C ALA A 224 15.73 12.49 1.35
N HIS A 225 17.01 12.77 1.58
CA HIS A 225 17.83 13.30 0.49
C HIS A 225 17.98 12.28 -0.64
N TRP A 226 18.25 11.02 -0.28
CA TRP A 226 18.40 9.98 -1.30
C TRP A 226 17.12 9.87 -2.15
N HIS A 227 15.97 9.94 -1.49
CA HIS A 227 14.71 9.75 -2.19
C HIS A 227 14.27 10.98 -2.99
N PHE A 228 14.52 12.17 -2.45
CA PHE A 228 13.90 13.38 -3.03
C PHE A 228 14.87 14.44 -3.54
N GLY A 229 16.15 14.34 -3.16
CA GLY A 229 17.15 15.27 -3.68
C GLY A 229 17.21 16.57 -2.89
N GLN A 230 17.63 17.65 -3.54
CA GLN A 230 17.69 17.73 -5.01
C GLN A 230 18.87 17.02 -5.68
N ALA B 1 -29.26 21.14 -5.15
CA ALA B 1 -27.86 20.75 -4.84
C ALA B 1 -27.81 19.49 -3.99
N GLY B 2 -27.82 18.34 -4.66
CA GLY B 2 -27.85 17.05 -3.97
C GLY B 2 -26.59 16.25 -4.20
N LYS B 3 -25.57 16.55 -3.41
CA LYS B 3 -24.26 15.93 -3.56
C LYS B 3 -24.24 14.52 -2.97
N LYS B 4 -23.54 13.60 -3.63
CA LYS B 4 -23.48 12.21 -3.21
C LYS B 4 -22.07 11.90 -2.73
N VAL B 5 -21.97 11.29 -1.56
CA VAL B 5 -20.70 10.99 -0.95
C VAL B 5 -20.59 9.50 -0.69
N LEU B 6 -19.44 8.94 -1.07
CA LEU B 6 -19.06 7.59 -0.67
C LEU B 6 -17.92 7.70 0.33
N ILE B 7 -18.08 7.08 1.48
CA ILE B 7 -17.00 6.96 2.45
C ILE B 7 -16.47 5.51 2.41
N VAL B 8 -15.22 5.35 2.01
CA VAL B 8 -14.57 4.04 2.07
C VAL B 8 -13.77 4.02 3.36
N TYR B 9 -14.20 3.15 4.25
CA TYR B 9 -13.77 3.14 5.64
C TYR B 9 -13.07 1.84 5.98
N ALA B 10 -11.89 1.96 6.57
CA ALA B 10 -11.06 0.81 6.85
C ALA B 10 -10.58 0.81 8.29
N HIS B 11 -11.47 0.46 9.20
CA HIS B 11 -11.06 0.21 10.57
C HIS B 11 -11.91 -0.90 11.18
N GLN B 12 -11.27 -1.72 12.02
CA GLN B 12 -11.90 -2.92 12.60
C GLN B 12 -12.91 -2.65 13.72
N GLU B 13 -12.80 -1.47 14.31
CA GLU B 13 -13.43 -1.16 15.59
C GLU B 13 -14.29 0.10 15.51
N PRO B 14 -15.61 -0.05 15.70
CA PRO B 14 -16.55 1.06 15.65
C PRO B 14 -16.24 2.19 16.63
N LYS B 15 -15.71 1.84 17.80
CA LYS B 15 -15.42 2.81 18.85
C LYS B 15 -14.07 3.50 18.69
N SER B 16 -13.38 3.22 17.59
CA SER B 16 -12.04 3.77 17.37
C SER B 16 -12.11 5.24 17.00
N PHE B 17 -10.95 5.90 17.01
CA PHE B 17 -10.89 7.28 16.56
C PHE B 17 -11.31 7.34 15.09
N ASN B 18 -10.91 6.34 14.29
CA ASN B 18 -11.35 6.30 12.89
C ASN B 18 -12.85 6.14 12.79
N GLY B 19 -13.38 5.26 13.63
CA GLY B 19 -14.82 5.07 13.71
C GLY B 19 -15.56 6.36 14.01
N SER B 20 -15.03 7.16 14.93
CA SER B 20 -15.68 8.42 15.30
C SER B 20 -15.61 9.42 14.16
N LEU B 21 -14.47 9.46 13.46
CA LEU B 21 -14.33 10.37 12.33
C LEU B 21 -15.29 9.99 11.20
N LYS B 22 -15.44 8.70 10.96
CA LYS B 22 -16.39 8.19 9.96
C LYS B 22 -17.81 8.58 10.34
N ASN B 23 -18.16 8.39 11.62
CA ASN B 23 -19.49 8.74 12.09
C ASN B 23 -19.79 10.24 12.04
N VAL B 24 -18.80 11.05 12.39
CA VAL B 24 -18.92 12.51 12.25
C VAL B 24 -19.21 12.90 10.81
N ALA B 25 -18.51 12.25 9.87
CA ALA B 25 -18.73 12.51 8.45
C ALA B 25 -20.14 12.13 8.02
N VAL B 26 -20.56 10.94 8.42
CA VAL B 26 -21.93 10.51 8.09
C VAL B 26 -22.93 11.50 8.68
N ASP B 27 -22.76 11.80 9.97
CA ASP B 27 -23.70 12.69 10.69
C ASP B 27 -23.78 14.06 10.01
N GLU B 28 -22.62 14.68 9.79
CA GLU B 28 -22.58 16.03 9.25
C GLU B 28 -23.04 16.10 7.79
N LEU B 29 -22.57 15.17 6.96
CA LEU B 29 -22.96 15.19 5.55
C LEU B 29 -24.45 14.85 5.45
N SER B 30 -24.92 13.94 6.31
CA SER B 30 -26.34 13.59 6.34
C SER B 30 -27.19 14.81 6.74
N ARG B 31 -26.73 15.51 7.77
CA ARG B 31 -27.35 16.75 8.25
C ARG B 31 -27.50 17.77 7.14
N GLN B 32 -26.49 17.86 6.28
CA GLN B 32 -26.47 18.84 5.22
C GLN B 32 -27.44 18.51 4.11
N GLY B 33 -27.93 17.27 4.11
CA GLY B 33 -28.84 16.85 3.07
C GLY B 33 -28.18 16.00 2.00
N CYS B 34 -26.89 15.72 2.16
CA CYS B 34 -26.17 14.90 1.19
C CYS B 34 -26.64 13.45 1.20
N THR B 35 -26.45 12.79 0.07
CA THR B 35 -26.67 11.36 -0.07
C THR B 35 -25.38 10.67 0.33
N VAL B 36 -25.44 9.76 1.29
CA VAL B 36 -24.23 9.22 1.89
C VAL B 36 -24.26 7.69 1.90
N THR B 37 -23.16 7.11 1.44
CA THR B 37 -22.99 5.66 1.41
C THR B 37 -21.65 5.33 2.06
N VAL B 38 -21.58 4.24 2.83
CA VAL B 38 -20.34 3.86 3.50
C VAL B 38 -19.98 2.42 3.09
N SER B 39 -18.75 2.22 2.65
CA SER B 39 -18.23 0.89 2.42
C SER B 39 -17.34 0.56 3.61
N ASP B 40 -17.89 -0.20 4.55
CA ASP B 40 -17.18 -0.61 5.75
C ASP B 40 -16.39 -1.88 5.41
N LEU B 41 -15.17 -1.72 4.93
CA LEU B 41 -14.44 -2.85 4.33
C LEU B 41 -14.26 -4.06 5.24
N TYR B 42 -13.90 -3.85 6.50
CA TYR B 42 -13.67 -4.98 7.40
C TYR B 42 -15.02 -5.70 7.66
N ALA B 43 -16.07 -4.92 7.85
CA ALA B 43 -17.40 -5.48 8.11
C ALA B 43 -17.89 -6.29 6.90
N MET B 44 -17.47 -5.86 5.71
CA MET B 44 -17.85 -6.51 4.47
C MET B 44 -16.96 -7.72 4.19
N ASN B 45 -15.95 -7.93 5.03
CA ASN B 45 -14.88 -8.89 4.77
C ASN B 45 -14.36 -8.76 3.33
N PHE B 46 -14.15 -7.52 2.93
CA PHE B 46 -13.80 -7.17 1.55
C PHE B 46 -12.54 -7.91 1.13
N GLU B 47 -12.59 -8.50 -0.07
CA GLU B 47 -11.46 -9.26 -0.62
C GLU B 47 -10.34 -8.34 -1.11
N PRO B 48 -9.13 -8.44 -0.53
CA PRO B 48 -8.07 -7.53 -0.98
C PRO B 48 -7.23 -8.08 -2.13
N ARG B 49 -7.23 -9.40 -2.32
CA ARG B 49 -6.32 -10.02 -3.27
C ARG B 49 -6.80 -9.92 -4.71
N ALA B 50 -5.90 -9.50 -5.60
CA ALA B 50 -6.16 -9.48 -7.04
C ALA B 50 -5.94 -10.87 -7.64
N THR B 51 -7.04 -11.58 -7.92
CA THR B 51 -6.91 -12.96 -8.40
C THR B 51 -7.86 -13.23 -9.55
N ASP B 52 -7.75 -14.42 -10.13
CA ASP B 52 -8.56 -14.76 -11.29
C ASP B 52 -10.03 -15.00 -10.91
N LYS B 53 -10.32 -15.01 -9.62
CA LYS B 53 -11.71 -15.05 -9.16
C LYS B 53 -12.44 -13.73 -9.40
N ASP B 54 -11.71 -12.70 -9.77
CA ASP B 54 -12.32 -11.39 -10.02
C ASP B 54 -12.97 -11.30 -11.41
N ILE B 55 -12.77 -12.34 -12.21
CA ILE B 55 -13.42 -12.44 -13.51
C ILE B 55 -14.37 -13.62 -13.47
N THR B 56 -15.65 -13.38 -13.77
CA THR B 56 -16.62 -14.48 -13.79
C THR B 56 -16.64 -15.10 -15.18
N GLY B 57 -16.99 -16.39 -15.25
CA GLY B 57 -17.03 -17.08 -16.53
C GLY B 57 -15.66 -17.38 -17.07
N THR B 58 -15.52 -17.36 -18.39
CA THR B 58 -14.31 -17.84 -19.05
C THR B 58 -13.25 -16.74 -19.19
N LEU B 59 -12.03 -17.06 -18.76
CA LEU B 59 -10.92 -16.13 -18.90
C LEU B 59 -10.56 -15.93 -20.37
N SER B 60 -10.05 -14.75 -20.70
CA SER B 60 -9.71 -14.43 -22.07
C SER B 60 -8.39 -15.07 -22.49
N ASN B 61 -7.72 -15.71 -21.54
CA ASN B 61 -6.49 -16.45 -21.79
C ASN B 61 -6.20 -17.33 -20.59
N PRO B 62 -6.78 -18.53 -20.59
CA PRO B 62 -6.76 -19.48 -19.47
C PRO B 62 -5.41 -20.12 -19.19
N GLU B 63 -4.38 -19.81 -19.97
CA GLU B 63 -3.08 -20.47 -19.80
C GLU B 63 -2.01 -19.54 -19.21
N VAL B 64 -2.14 -18.24 -19.47
CA VAL B 64 -1.25 -17.25 -18.86
C VAL B 64 -2.11 -16.12 -18.29
N PHE B 65 -2.21 -16.06 -16.97
CA PHE B 65 -3.11 -15.10 -16.34
C PHE B 65 -2.48 -13.71 -16.16
N ASN B 66 -3.08 -12.72 -16.81
CA ASN B 66 -2.64 -11.33 -16.72
C ASN B 66 -3.77 -10.52 -16.08
N TYR B 67 -3.60 -10.16 -14.82
CA TYR B 67 -4.67 -9.50 -14.06
C TYR B 67 -5.18 -8.23 -14.74
N GLY B 68 -4.26 -7.35 -15.15
CA GLY B 68 -4.65 -6.08 -15.75
C GLY B 68 -5.47 -6.26 -17.01
N VAL B 69 -4.97 -7.11 -17.90
CA VAL B 69 -5.64 -7.38 -19.16
C VAL B 69 -6.99 -8.03 -18.94
N GLU B 70 -7.02 -9.03 -18.07
CA GLU B 70 -8.23 -9.80 -17.86
C GLU B 70 -9.33 -8.93 -17.26
N THR B 71 -8.97 -8.01 -16.37
CA THR B 71 -9.99 -7.20 -15.71
C THR B 71 -10.43 -6.08 -16.63
N HIS B 72 -9.53 -5.60 -17.49
CA HIS B 72 -9.89 -4.60 -18.49
C HIS B 72 -10.99 -5.20 -19.38
N GLU B 73 -10.74 -6.43 -19.82
CA GLU B 73 -11.65 -7.12 -20.73
C GLU B 73 -12.95 -7.48 -20.02
N ALA B 74 -12.85 -7.95 -18.78
CA ALA B 74 -14.02 -8.28 -17.98
C ALA B 74 -14.91 -7.05 -17.76
N TYR B 75 -14.28 -5.90 -17.54
CA TYR B 75 -15.05 -4.67 -17.35
C TYR B 75 -15.87 -4.39 -18.61
N LYS B 76 -15.23 -4.50 -19.76
CA LYS B 76 -15.89 -4.22 -21.03
C LYS B 76 -16.96 -5.26 -21.34
N GLN B 77 -16.73 -6.49 -20.87
CA GLN B 77 -17.65 -7.61 -21.09
C GLN B 77 -18.67 -7.81 -20.00
N ARG B 78 -18.77 -6.87 -19.07
CA ARG B 78 -19.67 -7.00 -17.92
C ARG B 78 -19.48 -8.32 -17.16
N SER B 79 -18.24 -8.77 -16.96
CA SER B 79 -18.05 -10.01 -16.22
C SER B 79 -17.00 -9.90 -15.11
N LEU B 80 -17.00 -8.77 -14.40
CA LEU B 80 -16.25 -8.68 -13.16
C LEU B 80 -17.08 -9.26 -12.01
N ALA B 81 -16.38 -9.73 -10.98
CA ALA B 81 -17.02 -10.18 -9.75
C ALA B 81 -17.92 -9.09 -9.15
N SER B 82 -19.02 -9.49 -8.51
CA SER B 82 -20.02 -8.54 -8.07
C SER B 82 -19.53 -7.67 -6.93
N ASP B 83 -18.56 -8.14 -6.14
CA ASP B 83 -18.08 -7.27 -5.07
C ASP B 83 -17.36 -6.05 -5.67
N ILE B 84 -16.63 -6.27 -6.76
CA ILE B 84 -16.01 -5.17 -7.49
C ILE B 84 -17.05 -4.23 -8.12
N THR B 85 -18.00 -4.77 -8.88
CA THR B 85 -18.93 -3.89 -9.59
C THR B 85 -19.86 -3.16 -8.62
N ASP B 86 -20.13 -3.75 -7.47
CA ASP B 86 -20.88 -3.07 -6.41
C ASP B 86 -20.16 -1.79 -6.00
N GLU B 87 -18.85 -1.87 -5.83
CA GLU B 87 -18.09 -0.69 -5.43
C GLU B 87 -18.03 0.32 -6.56
N GLN B 88 -17.87 -0.15 -7.79
CA GLN B 88 -17.77 0.74 -8.94
C GLN B 88 -19.07 1.53 -9.08
N LYS B 89 -20.19 0.88 -8.79
CA LYS B 89 -21.47 1.58 -8.82
C LYS B 89 -21.49 2.72 -7.80
N LYS B 90 -21.00 2.47 -6.58
CA LYS B 90 -20.97 3.50 -5.55
C LYS B 90 -20.07 4.66 -5.96
N VAL B 91 -18.94 4.33 -6.58
CA VAL B 91 -18.00 5.34 -7.01
C VAL B 91 -18.57 6.15 -8.17
N ARG B 92 -19.17 5.45 -9.12
CA ARG B 92 -19.78 6.08 -10.29
C ARG B 92 -20.80 7.15 -9.88
N GLU B 93 -21.63 6.82 -8.89
CA GLU B 93 -22.67 7.72 -8.39
C GLU B 93 -22.15 8.85 -7.50
N ALA B 94 -20.98 8.67 -6.91
CA ALA B 94 -20.47 9.63 -5.93
C ALA B 94 -19.87 10.88 -6.58
N ASP B 95 -20.08 12.02 -5.95
CA ASP B 95 -19.43 13.27 -6.33
C ASP B 95 -18.13 13.43 -5.56
N LEU B 96 -18.11 12.88 -4.35
CA LEU B 96 -16.96 12.91 -3.47
C LEU B 96 -16.73 11.52 -2.88
N VAL B 97 -15.48 11.08 -2.88
CA VAL B 97 -15.09 9.84 -2.18
C VAL B 97 -14.13 10.20 -1.06
N ILE B 98 -14.57 9.96 0.17
CA ILE B 98 -13.73 10.09 1.35
C ILE B 98 -13.15 8.73 1.75
N PHE B 99 -11.83 8.65 1.90
CA PHE B 99 -11.20 7.45 2.45
C PHE B 99 -10.84 7.71 3.90
N GLN B 100 -11.33 6.86 4.79
CA GLN B 100 -11.09 7.05 6.21
C GLN B 100 -10.29 5.87 6.74
N PHE B 101 -9.06 6.12 7.19
CA PHE B 101 -8.20 5.02 7.58
C PHE B 101 -7.04 5.42 8.48
N PRO B 102 -6.61 4.47 9.32
CA PRO B 102 -5.34 4.62 10.03
C PRO B 102 -4.17 4.36 9.08
N LEU B 103 -3.11 5.14 9.19
CA LEU B 103 -1.92 4.95 8.37
C LEU B 103 -1.26 3.64 8.76
N TYR B 104 -1.13 2.72 7.80
CA TYR B 104 -0.40 1.45 7.97
C TYR B 104 0.82 1.51 7.06
N TRP B 105 2.00 1.57 7.67
CA TRP B 105 3.26 1.59 6.95
C TRP B 105 3.29 2.66 5.84
N PHE B 106 3.07 3.90 6.28
CA PHE B 106 3.09 5.08 5.41
C PHE B 106 2.10 4.93 4.25
N SER B 107 1.04 4.16 4.46
CA SER B 107 0.11 3.88 3.37
C SER B 107 -1.26 3.45 3.94
N VAL B 108 -2.13 2.91 3.08
CA VAL B 108 -3.43 2.41 3.49
C VAL B 108 -3.29 0.98 4.02
N PRO B 109 -4.16 0.60 4.97
CA PRO B 109 -4.24 -0.81 5.37
C PRO B 109 -4.48 -1.70 4.15
N ALA B 110 -3.98 -2.93 4.19
CA ALA B 110 -4.03 -3.81 3.04
C ALA B 110 -5.46 -4.00 2.50
N ILE B 111 -6.45 -4.01 3.40
CA ILE B 111 -7.82 -4.26 2.95
C ILE B 111 -8.27 -3.10 2.05
N LEU B 112 -7.82 -1.88 2.36
CA LEU B 112 -8.15 -0.71 1.55
C LEU B 112 -7.27 -0.64 0.29
N LYS B 113 -6.02 -1.06 0.41
CA LYS B 113 -5.16 -1.18 -0.78
C LYS B 113 -5.82 -2.13 -1.79
N GLY B 114 -6.41 -3.20 -1.27
CA GLY B 114 -7.11 -4.18 -2.09
C GLY B 114 -8.31 -3.59 -2.81
N TRP B 115 -9.04 -2.72 -2.13
CA TRP B 115 -10.13 -1.96 -2.75
C TRP B 115 -9.58 -1.15 -3.93
N MET B 116 -8.50 -0.40 -3.69
CA MET B 116 -7.91 0.39 -4.76
CA MET B 116 -7.86 0.39 -4.74
C MET B 116 -7.43 -0.48 -5.92
N ASP B 117 -6.76 -1.59 -5.62
CA ASP B 117 -6.22 -2.48 -6.65
C ASP B 117 -7.30 -3.09 -7.53
N ARG B 118 -8.40 -3.48 -6.91
CA ARG B 118 -9.45 -4.27 -7.58
C ARG B 118 -10.58 -3.41 -8.15
N VAL B 119 -10.96 -2.34 -7.46
CA VAL B 119 -12.08 -1.51 -7.90
C VAL B 119 -11.71 -0.56 -9.04
N LEU B 120 -10.52 0.02 -8.96
CA LEU B 120 -10.11 1.03 -9.91
C LEU B 120 -9.44 0.43 -11.15
N CYS B 121 -10.19 -0.40 -11.87
CA CYS B 121 -9.63 -1.16 -12.98
C CYS B 121 -9.59 -0.35 -14.27
N GLN B 122 -8.78 -0.80 -15.23
CA GLN B 122 -8.76 -0.14 -16.54
C GLN B 122 -10.14 -0.27 -17.20
N GLY B 123 -10.59 0.82 -17.80
CA GLY B 123 -11.90 0.89 -18.43
C GLY B 123 -12.91 1.53 -17.53
N PHE B 124 -12.69 1.42 -16.22
CA PHE B 124 -13.57 2.07 -15.26
C PHE B 124 -12.98 3.39 -14.76
N ALA B 125 -11.75 3.33 -14.26
CA ALA B 125 -11.13 4.47 -13.60
C ALA B 125 -10.15 5.22 -14.51
N PHE B 126 -9.62 4.51 -15.51
CA PHE B 126 -8.62 5.09 -16.39
C PHE B 126 -8.53 4.25 -17.66
N ASP B 127 -7.83 4.77 -18.66
CA ASP B 127 -7.63 4.04 -19.89
C ASP B 127 -6.59 4.73 -20.78
N ILE B 128 -6.37 4.12 -21.95
CA ILE B 128 -5.70 4.76 -23.06
C ILE B 128 -6.80 5.19 -24.04
N PRO B 129 -7.16 6.48 -24.02
CA PRO B 129 -6.57 7.51 -23.16
C PRO B 129 -7.41 7.72 -21.91
N GLY B 130 -7.01 8.68 -21.09
CA GLY B 130 -7.78 9.03 -19.91
C GLY B 130 -7.04 8.64 -18.66
N PHE B 131 -6.05 9.45 -18.29
CA PHE B 131 -5.39 9.30 -17.00
C PHE B 131 -4.78 10.63 -16.61
N TYR B 132 -4.41 10.72 -15.34
CA TYR B 132 -4.15 11.98 -14.67
C TYR B 132 -5.32 12.94 -14.96
N ASP B 133 -5.07 14.16 -15.45
CA ASP B 133 -6.16 15.14 -15.58
C ASP B 133 -7.38 14.63 -16.34
N SER B 134 -7.16 13.69 -17.25
CA SER B 134 -8.24 13.15 -18.06
C SER B 134 -8.66 11.73 -17.66
N GLY B 135 -8.25 11.26 -16.48
CA GLY B 135 -8.68 9.96 -15.99
C GLY B 135 -10.21 9.88 -15.98
N LEU B 136 -10.76 8.67 -15.97
CA LEU B 136 -12.19 8.49 -16.23
C LEU B 136 -13.08 8.94 -15.08
N LEU B 137 -12.49 9.23 -13.92
CA LEU B 137 -13.29 9.74 -12.80
C LEU B 137 -13.17 11.24 -12.66
N GLN B 138 -12.77 11.92 -13.73
CA GLN B 138 -12.70 13.38 -13.68
C GLN B 138 -14.08 13.95 -13.40
N GLY B 139 -14.11 15.02 -12.61
CA GLY B 139 -15.36 15.60 -12.19
C GLY B 139 -15.60 15.24 -10.73
N LYS B 140 -14.98 14.15 -10.28
CA LYS B 140 -15.13 13.70 -8.90
C LYS B 140 -14.05 14.26 -8.00
N LEU B 141 -14.38 14.33 -6.71
CA LEU B 141 -13.44 14.74 -5.68
C LEU B 141 -13.07 13.54 -4.85
N ALA B 142 -11.84 13.53 -4.33
CA ALA B 142 -11.39 12.50 -3.42
C ALA B 142 -10.66 13.20 -2.28
N LEU B 143 -10.74 12.61 -1.10
CA LEU B 143 -10.20 13.18 0.12
C LEU B 143 -9.67 12.06 1.01
N LEU B 144 -8.40 12.12 1.40
CA LEU B 144 -7.84 11.17 2.34
C LEU B 144 -7.91 11.70 3.77
N SER B 145 -8.66 11.01 4.64
CA SER B 145 -8.72 11.32 6.06
C SER B 145 -7.96 10.24 6.79
N VAL B 146 -6.79 10.60 7.31
CA VAL B 146 -5.82 9.66 7.82
C VAL B 146 -5.54 9.94 9.28
N THR B 147 -5.39 8.89 10.08
CA THR B 147 -4.89 9.02 11.43
C THR B 147 -3.50 8.39 11.47
N THR B 148 -2.62 8.88 12.35
CA THR B 148 -1.28 8.35 12.43
C THR B 148 -0.92 7.95 13.85
N GLY B 149 0.07 7.07 13.96
CA GLY B 149 0.71 6.80 15.24
C GLY B 149 1.74 7.88 15.55
N GLY B 150 2.48 8.31 14.54
CA GLY B 150 3.52 9.33 14.70
C GLY B 150 3.00 10.76 14.83
N THR B 151 3.80 11.59 15.49
CA THR B 151 3.44 12.98 15.78
C THR B 151 3.64 13.90 14.59
N ALA B 152 3.03 15.08 14.64
CA ALA B 152 3.22 16.06 13.58
C ALA B 152 4.71 16.36 13.41
N GLU B 153 5.42 16.43 14.53
CA GLU B 153 6.84 16.78 14.53
C GLU B 153 7.65 15.72 13.78
N MET B 154 7.30 14.45 13.98
CA MET B 154 7.98 13.35 13.27
C MET B 154 7.75 13.46 11.78
N TYR B 155 6.59 13.99 11.40
CA TYR B 155 6.23 14.16 10.01
C TYR B 155 6.57 15.56 9.49
N THR B 156 7.78 15.99 9.75
CA THR B 156 8.30 17.24 9.17
C THR B 156 9.45 16.90 8.25
N LYS B 157 9.84 17.83 7.40
CA LYS B 157 10.84 17.52 6.36
C LYS B 157 12.15 17.05 6.97
N THR B 158 12.50 17.57 8.15
CA THR B 158 13.75 17.13 8.79
C THR B 158 13.49 16.22 10.00
N GLY B 159 12.22 15.95 10.30
CA GLY B 159 11.86 14.96 11.30
C GLY B 159 12.12 13.54 10.78
N VAL B 160 12.04 12.58 11.68
CA VAL B 160 12.48 11.23 11.37
C VAL B 160 11.61 10.53 10.32
N ASN B 161 10.33 10.91 10.23
CA ASN B 161 9.41 10.35 9.23
C ASN B 161 9.40 11.12 7.91
N GLY B 162 9.94 12.33 7.91
CA GLY B 162 9.81 13.21 6.76
C GLY B 162 8.43 13.86 6.69
N ASP B 163 8.25 14.80 5.77
CA ASP B 163 6.97 15.49 5.59
C ASP B 163 5.85 14.49 5.28
N SER B 164 4.67 14.71 5.85
CA SER B 164 3.55 13.80 5.60
C SER B 164 3.22 13.82 4.10
N ARG B 165 3.49 14.93 3.42
CA ARG B 165 3.23 14.98 1.98
C ARG B 165 4.01 13.92 1.21
N TYR B 166 5.16 13.53 1.74
CA TYR B 166 5.96 12.49 1.10
C TYR B 166 5.18 11.17 0.99
N PHE B 167 4.46 10.78 2.04
CA PHE B 167 3.80 9.47 1.95
C PHE B 167 2.48 9.59 1.20
N LEU B 168 1.96 10.81 1.07
CA LEU B 168 0.71 11.02 0.34
C LEU B 168 0.85 10.80 -1.16
N TRP B 169 2.05 10.93 -1.68
CA TRP B 169 2.30 10.92 -3.13
C TRP B 169 1.73 9.68 -3.85
N PRO B 170 2.06 8.45 -3.38
CA PRO B 170 1.49 7.29 -4.08
C PRO B 170 -0.04 7.26 -4.06
N LEU B 171 -0.64 7.74 -2.97
CA LEU B 171 -2.09 7.72 -2.83
C LEU B 171 -2.75 8.82 -3.65
N GLN B 172 -2.37 10.07 -3.39
CA GLN B 172 -2.99 11.22 -4.03
C GLN B 172 -2.62 11.30 -5.50
N HIS B 173 -1.34 11.11 -5.83
CA HIS B 173 -0.94 11.29 -7.22
C HIS B 173 -1.00 9.98 -8.02
N GLY B 174 -0.31 8.94 -7.56
CA GLY B 174 -0.20 7.73 -8.33
C GLY B 174 -1.52 6.98 -8.49
N THR B 175 -2.44 7.22 -7.55
CA THR B 175 -3.71 6.51 -7.56
C THR B 175 -4.85 7.45 -7.90
N LEU B 176 -5.13 8.42 -7.05
CA LEU B 176 -6.35 9.21 -7.20
C LEU B 176 -6.27 10.18 -8.40
N HIS B 177 -5.25 11.02 -8.43
CA HIS B 177 -5.05 11.90 -9.59
C HIS B 177 -4.98 11.10 -10.88
N PHE B 178 -4.31 9.95 -10.84
CA PHE B 178 -4.16 9.14 -12.02
C PHE B 178 -5.52 8.74 -12.60
N CYS B 179 -6.49 8.51 -11.73
CA CYS B 179 -7.82 8.12 -12.18
C CYS B 179 -8.69 9.35 -12.50
N GLY B 180 -8.12 10.54 -12.38
CA GLY B 180 -8.85 11.74 -12.74
C GLY B 180 -9.51 12.50 -11.60
N PHE B 181 -9.39 11.99 -10.38
CA PHE B 181 -9.92 12.71 -9.23
C PHE B 181 -9.25 14.08 -9.13
N LYS B 182 -10.03 15.07 -8.72
CA LYS B 182 -9.45 16.26 -8.11
C LYS B 182 -9.29 15.90 -6.64
N VAL B 183 -8.15 16.26 -6.07
CA VAL B 183 -7.81 15.87 -4.73
C VAL B 183 -8.02 17.02 -3.78
N LEU B 184 -8.91 16.81 -2.80
CA LEU B 184 -9.05 17.77 -1.73
C LEU B 184 -7.91 17.60 -0.73
N ALA B 185 -7.60 18.66 0.00
CA ALA B 185 -6.49 18.62 0.95
C ALA B 185 -6.72 17.47 1.90
N PRO B 186 -5.66 16.74 2.23
CA PRO B 186 -5.85 15.63 3.17
C PRO B 186 -6.25 16.13 4.55
N GLN B 187 -7.02 15.30 5.25
CA GLN B 187 -7.27 15.54 6.66
C GLN B 187 -6.33 14.63 7.43
N ILE B 188 -5.40 15.20 8.19
CA ILE B 188 -4.47 14.37 8.92
C ILE B 188 -4.62 14.62 10.40
N SER B 189 -5.08 13.60 11.10
CA SER B 189 -5.23 13.62 12.55
C SER B 189 -4.04 12.91 13.15
N PHE B 190 -3.08 13.69 13.63
CA PHE B 190 -1.82 13.14 14.11
C PHE B 190 -1.92 12.55 15.51
N ALA B 191 -1.47 11.30 15.64
CA ALA B 191 -1.25 10.66 16.94
C ALA B 191 -2.38 10.83 17.94
N PRO B 192 -3.62 10.50 17.53
CA PRO B 192 -4.71 10.52 18.52
C PRO B 192 -4.44 9.58 19.70
N GLU B 193 -3.65 8.53 19.49
CA GLU B 193 -3.41 7.54 20.54
C GLU B 193 -2.68 8.10 21.77
N ILE B 194 -1.87 9.12 21.57
CA ILE B 194 -1.15 9.70 22.71
C ILE B 194 -1.62 11.11 23.01
N ALA B 195 -2.61 11.59 22.25
CA ALA B 195 -3.15 12.93 22.46
C ALA B 195 -4.08 12.97 23.67
N SER B 196 -4.23 14.16 24.27
CA SER B 196 -5.15 14.31 25.39
C SER B 196 -6.59 14.27 24.89
N GLU B 197 -7.54 14.08 25.80
CA GLU B 197 -8.94 14.06 25.43
C GLU B 197 -9.34 15.36 24.73
N GLU B 198 -8.85 16.48 25.25
CA GLU B 198 -9.16 17.78 24.67
C GLU B 198 -8.57 17.91 23.28
N GLU B 199 -7.34 17.45 23.12
CA GLU B 199 -6.68 17.49 21.83
C GLU B 199 -7.45 16.61 20.85
N ARG B 200 -7.90 15.45 21.33
CA ARG B 200 -8.63 14.51 20.50
C ARG B 200 -9.97 15.09 20.08
N LYS B 201 -10.65 15.74 21.03
CA LYS B 201 -11.92 16.38 20.73
C LYS B 201 -11.72 17.48 19.70
N GLY B 202 -10.60 18.19 19.81
CA GLY B 202 -10.29 19.26 18.88
C GLY B 202 -10.08 18.77 17.46
N MET B 203 -9.42 17.63 17.32
CA MET B 203 -9.23 17.01 16.02
C MET B 203 -10.55 16.55 15.41
N VAL B 204 -11.43 15.99 16.22
CA VAL B 204 -12.74 15.60 15.72
C VAL B 204 -13.55 16.85 15.29
N ALA B 205 -13.50 17.91 16.09
CA ALA B 205 -14.21 19.15 15.76
C ALA B 205 -13.64 19.82 14.51
N ALA B 206 -12.34 19.70 14.30
CA ALA B 206 -11.69 20.26 13.12
C ALA B 206 -12.29 19.60 11.88
N TRP B 207 -12.45 18.28 11.96
CA TRP B 207 -13.00 17.48 10.88
C TRP B 207 -14.48 17.81 10.66
N SER B 208 -15.22 17.89 11.76
CA SER B 208 -16.65 18.20 11.67
C SER B 208 -16.82 19.60 11.09
N GLN B 209 -16.05 20.56 11.58
CA GLN B 209 -16.09 21.92 11.04
C GLN B 209 -15.63 22.01 9.58
N ARG B 210 -14.58 21.27 9.21
CA ARG B 210 -14.18 21.24 7.82
C ARG B 210 -15.31 20.75 6.91
N LEU B 211 -16.04 19.74 7.36
CA LEU B 211 -17.09 19.15 6.54
C LEU B 211 -18.22 20.15 6.24
N GLN B 212 -18.36 21.16 7.08
CA GLN B 212 -19.39 22.17 6.90
C GLN B 212 -19.24 22.94 5.59
N THR B 213 -17.99 23.11 5.15
CA THR B 213 -17.72 23.88 3.95
C THR B 213 -16.94 23.10 2.89
N ILE B 214 -17.04 21.77 2.92
CA ILE B 214 -16.22 20.95 2.03
C ILE B 214 -16.56 21.21 0.56
N TRP B 215 -17.81 21.57 0.29
CA TRP B 215 -18.21 21.84 -1.08
C TRP B 215 -17.72 23.20 -1.58
N LYS B 216 -17.15 23.99 -0.68
CA LYS B 216 -16.62 25.30 -1.06
C LYS B 216 -15.11 25.24 -1.31
N GLU B 217 -14.55 24.04 -1.16
CA GLU B 217 -13.09 23.89 -1.19
C GLU B 217 -12.50 23.90 -2.57
N GLU B 218 -11.29 24.44 -2.68
CA GLU B 218 -10.48 24.28 -3.86
C GLU B 218 -9.63 23.03 -3.67
N PRO B 219 -9.50 22.21 -4.72
CA PRO B 219 -8.63 21.03 -4.67
C PRO B 219 -7.17 21.47 -4.63
N ILE B 220 -6.28 20.63 -4.10
CA ILE B 220 -4.86 20.97 -4.15
C ILE B 220 -4.35 20.80 -5.58
N PRO B 221 -3.24 21.49 -5.91
CA PRO B 221 -2.53 21.16 -7.15
C PRO B 221 -1.77 19.86 -6.91
N CYS B 222 -2.25 18.76 -7.46
CA CYS B 222 -1.65 17.45 -7.17
C CYS B 222 -0.41 17.26 -8.01
N THR B 223 0.65 17.94 -7.61
CA THR B 223 1.89 18.02 -8.38
C THR B 223 3.06 17.55 -7.56
N ALA B 224 4.16 17.19 -8.22
CA ALA B 224 5.38 16.87 -7.51
C ALA B 224 5.80 18.08 -6.66
N HIS B 225 5.62 19.28 -7.20
CA HIS B 225 5.97 20.50 -6.46
C HIS B 225 5.20 20.59 -5.14
N TRP B 226 3.89 20.35 -5.19
CA TRP B 226 3.09 20.37 -3.97
C TRP B 226 3.63 19.37 -2.94
N HIS B 227 3.95 18.17 -3.40
CA HIS B 227 4.33 17.09 -2.49
C HIS B 227 5.76 17.22 -1.97
N PHE B 228 6.65 17.69 -2.83
CA PHE B 228 8.08 17.59 -2.53
C PHE B 228 8.80 18.95 -2.49
N GLY B 229 8.16 19.99 -3.00
CA GLY B 229 8.80 21.29 -3.11
C GLY B 229 8.70 22.15 -1.87
N GLN B 230 9.07 23.41 -2.00
CA GLN B 230 9.01 24.35 -0.89
C GLN B 230 7.85 25.32 -1.09
#